data_4IFE
#
_entry.id   4IFE
#
_cell.length_a   58.176
_cell.length_b   63.396
_cell.length_c   151.212
_cell.angle_alpha   90.00
_cell.angle_beta   90.00
_cell.angle_gamma   90.00
#
_symmetry.space_group_name_H-M   'P 21 21 21'
#
loop_
_entity.id
_entity.type
_entity.pdbx_description
1 polymer 'Gene 2 protein'
2 non-polymer "ADENOSINE-5'-TRIPHOSPHATE"
#
_entity_poly.entity_id   1
_entity_poly.type   'polypeptide(L)'
_entity_poly.pdbx_seq_one_letter_code
;MGSSHHHHHHSSGLVPRGSHMTSINPIFEPFIEAHRYKVAKGGRGSGKSWAIARLLVEAARRQPVRILCARELQNSISDS
VIRLLEDTIEREGYSAEFEIQRSMIRHLGTNAEFMFYGIKNNPTKIKSLEGIDICWVEEAEAVTKESWDILIPTIRKPFS
EIWVSFNPKNILDDTYQRFVVNPPDDICLLTVNYTDNPHFPEVLRLEMEECKRRNPTLYRHIWLGEPVSASDMAIIKREW
LEAATDAHKKLGWKAKGAVVSAHDPSDTGPDAKGYASRHGSVVKRIAEGLLMDINEGADWATSLAIEDGADHYLWDGDGV
GAGLRRQTTEAFSGKKITATMFKGSESPFDEDAPYQAGAWADEVVQGDNVRTIGDVFRNKRAQFYYALADRLYLTYRAVV
HGEYADPDDMLSFDKEAIGEKMLEKLFAELTQIQRKFNNNGKLELMTKVEMKQKLGIPSPNLADALMMCMHCPALVREET
EIYVPSSSGW
;
_entity_poly.pdbx_strand_id   A
#
loop_
_chem_comp.id
_chem_comp.type
_chem_comp.name
_chem_comp.formula
ATP non-polymer ADENOSINE-5'-TRIPHOSPHATE 'C10 H16 N5 O13 P3'
#
# COMPACT_ATOMS: atom_id res chain seq x y z
N ILE A 24 -27.39 -4.65 -23.38
CA ILE A 24 -26.11 -4.73 -22.67
C ILE A 24 -25.28 -3.45 -22.85
N ASN A 25 -24.56 -3.06 -21.79
CA ASN A 25 -23.71 -1.86 -21.74
C ASN A 25 -22.56 -1.89 -22.77
N PRO A 26 -22.59 -0.99 -23.79
CA PRO A 26 -21.84 -1.13 -25.06
C PRO A 26 -20.32 -1.14 -25.01
N ILE A 27 -19.71 -0.65 -23.93
CA ILE A 27 -18.25 -0.56 -23.88
C ILE A 27 -17.63 -1.95 -23.76
N PHE A 28 -18.44 -2.89 -23.26
CA PHE A 28 -17.96 -4.24 -22.94
C PHE A 28 -18.02 -5.19 -24.13
N GLU A 29 -18.54 -4.70 -25.24
CA GLU A 29 -18.57 -5.43 -26.50
C GLU A 29 -17.31 -6.24 -26.85
N PRO A 30 -16.10 -5.72 -26.57
CA PRO A 30 -14.96 -6.57 -26.91
C PRO A 30 -14.89 -7.86 -26.08
N PHE A 31 -15.69 -7.99 -25.03
CA PHE A 31 -15.58 -9.17 -24.17
C PHE A 31 -16.30 -10.39 -24.71
N ILE A 32 -17.21 -10.18 -25.63
CA ILE A 32 -18.01 -11.26 -26.17
C ILE A 32 -17.15 -12.09 -27.10
N GLU A 33 -16.17 -11.45 -27.71
CA GLU A 33 -15.21 -12.12 -28.56
C GLU A 33 -14.27 -12.96 -27.70
N ALA A 34 -13.46 -13.80 -28.33
CA ALA A 34 -12.75 -14.86 -27.60
C ALA A 34 -11.31 -14.49 -27.29
N HIS A 35 -11.05 -14.17 -26.03
CA HIS A 35 -9.71 -13.82 -25.63
C HIS A 35 -9.34 -14.71 -24.47
N ARG A 36 -8.06 -15.06 -24.37
CA ARG A 36 -7.63 -15.85 -23.22
C ARG A 36 -7.76 -15.00 -21.99
N TYR A 37 -7.41 -13.72 -22.10
CA TYR A 37 -7.48 -12.83 -20.96
C TYR A 37 -8.45 -11.69 -21.18
N LYS A 38 -9.42 -11.57 -20.30
CA LYS A 38 -10.33 -10.43 -20.38
C LYS A 38 -10.27 -9.63 -19.09
N VAL A 39 -9.76 -8.41 -19.16
CA VAL A 39 -9.58 -7.62 -17.95
C VAL A 39 -10.35 -6.32 -17.99
N ALA A 40 -11.05 -6.05 -16.89
CA ALA A 40 -11.72 -4.78 -16.68
C ALA A 40 -11.20 -4.14 -15.41
N LYS A 41 -10.61 -2.96 -15.55
CA LYS A 41 -10.18 -2.22 -14.36
C LYS A 41 -10.83 -0.86 -14.29
N GLY A 42 -11.11 -0.42 -13.07
CA GLY A 42 -11.74 0.88 -12.90
C GLY A 42 -12.05 1.30 -11.48
N GLY A 43 -12.72 2.43 -11.35
CA GLY A 43 -13.08 2.96 -10.05
C GLY A 43 -14.42 2.45 -9.59
N ARG A 44 -14.87 2.95 -8.45
CA ARG A 44 -16.17 2.57 -7.92
C ARG A 44 -17.28 3.15 -8.78
N GLY A 45 -18.35 2.36 -8.95
CA GLY A 45 -19.55 2.85 -9.61
C GLY A 45 -19.43 2.83 -11.12
N SER A 46 -18.54 1.99 -11.63
CA SER A 46 -18.29 1.99 -13.07
C SER A 46 -19.10 0.86 -13.75
N GLY A 47 -19.90 0.17 -12.95
CA GLY A 47 -20.84 -0.80 -13.46
C GLY A 47 -20.18 -2.02 -14.08
N LYS A 48 -18.96 -2.31 -13.67
CA LYS A 48 -18.19 -3.43 -14.20
C LYS A 48 -18.46 -4.78 -13.51
N SER A 49 -18.98 -4.79 -12.28
CA SER A 49 -19.42 -6.05 -11.69
C SER A 49 -20.74 -6.46 -12.35
N TRP A 50 -21.64 -5.49 -12.48
CA TRP A 50 -22.97 -5.72 -13.00
C TRP A 50 -22.93 -6.23 -14.44
N ALA A 51 -22.09 -5.59 -15.26
CA ALA A 51 -21.95 -5.91 -16.67
C ALA A 51 -21.49 -7.35 -16.85
N ILE A 52 -20.45 -7.69 -16.12
CA ILE A 52 -19.86 -9.00 -16.20
C ILE A 52 -20.85 -10.08 -15.78
N ALA A 53 -21.54 -9.86 -14.66
CA ALA A 53 -22.58 -10.77 -14.16
C ALA A 53 -23.62 -10.91 -15.23
N ARG A 54 -23.95 -9.83 -15.91
CA ARG A 54 -24.84 -9.92 -17.06
C ARG A 54 -24.27 -10.81 -18.17
N LEU A 55 -23.11 -10.48 -18.73
CA LEU A 55 -22.52 -11.29 -19.79
C LEU A 55 -22.31 -12.73 -19.39
N LEU A 56 -21.91 -12.96 -18.16
CA LEU A 56 -21.68 -14.32 -17.70
C LEU A 56 -22.98 -15.09 -17.73
N VAL A 57 -24.04 -14.49 -17.21
CA VAL A 57 -25.35 -15.09 -17.24
C VAL A 57 -25.83 -15.37 -18.67
N GLU A 58 -25.70 -14.39 -19.55
CA GLU A 58 -26.16 -14.62 -20.92
C GLU A 58 -25.37 -15.73 -21.61
N ALA A 59 -24.08 -15.81 -21.34
CA ALA A 59 -23.24 -16.87 -21.90
C ALA A 59 -23.71 -18.24 -21.41
N ALA A 60 -24.27 -18.27 -20.20
CA ALA A 60 -24.59 -19.51 -19.52
C ALA A 60 -25.85 -20.08 -20.10
N ARG A 61 -26.64 -19.24 -20.74
CA ARG A 61 -27.93 -19.68 -21.23
C ARG A 61 -27.77 -20.31 -22.60
N ARG A 62 -26.57 -20.21 -23.15
CA ARG A 62 -26.36 -20.61 -24.53
C ARG A 62 -25.18 -21.57 -24.70
N GLN A 63 -24.49 -21.90 -23.62
CA GLN A 63 -23.40 -22.87 -23.72
C GLN A 63 -23.29 -23.70 -22.45
N PRO A 64 -22.94 -24.98 -22.60
CA PRO A 64 -22.63 -25.77 -21.41
C PRO A 64 -21.25 -25.38 -20.84
N VAL A 65 -21.12 -24.16 -20.31
CA VAL A 65 -19.86 -23.69 -19.72
C VAL A 65 -19.76 -23.92 -18.22
N ARG A 66 -18.64 -24.47 -17.79
CA ARG A 66 -18.34 -24.53 -16.38
C ARG A 66 -17.67 -23.25 -15.90
N ILE A 67 -18.41 -22.46 -15.13
CA ILE A 67 -17.91 -21.16 -14.71
C ILE A 67 -17.52 -21.16 -13.25
N LEU A 68 -16.22 -21.06 -13.01
CA LEU A 68 -15.71 -20.93 -11.67
C LEU A 68 -15.70 -19.45 -11.30
N CYS A 69 -16.06 -19.16 -10.06
CA CYS A 69 -16.01 -17.82 -9.54
C CYS A 69 -15.13 -17.80 -8.32
N ALA A 70 -13.95 -17.21 -8.48
CA ALA A 70 -12.91 -17.35 -7.49
C ALA A 70 -12.57 -16.02 -6.86
N ARG A 71 -12.34 -16.01 -5.55
CA ARG A 71 -11.80 -14.83 -4.90
C ARG A 71 -10.69 -15.21 -3.92
N GLU A 72 -9.96 -14.20 -3.45
CA GLU A 72 -8.88 -14.40 -2.50
C GLU A 72 -9.43 -14.99 -1.21
N LEU A 73 -10.27 -14.23 -0.53
CA LEU A 73 -10.85 -14.68 0.71
C LEU A 73 -12.35 -14.90 0.60
N GLN A 74 -12.80 -16.10 0.95
CA GLN A 74 -14.23 -16.39 0.99
C GLN A 74 -14.59 -17.16 2.26
N ASN A 75 -14.72 -16.45 3.38
CA ASN A 75 -14.95 -17.10 4.66
C ASN A 75 -16.33 -17.75 4.81
N SER A 76 -17.26 -17.33 3.95
CA SER A 76 -18.63 -17.88 3.94
C SER A 76 -19.08 -17.69 2.53
N ILE A 77 -20.28 -18.17 2.17
CA ILE A 77 -20.77 -18.01 0.79
C ILE A 77 -21.21 -16.58 0.47
N SER A 78 -21.54 -15.80 1.49
CA SER A 78 -22.04 -14.45 1.29
C SER A 78 -20.98 -13.45 0.75
N ASP A 79 -19.70 -13.77 0.93
CA ASP A 79 -18.62 -12.90 0.45
C ASP A 79 -18.53 -12.91 -1.06
N SER A 80 -19.21 -13.87 -1.68
CA SER A 80 -19.03 -14.19 -3.09
C SER A 80 -20.01 -13.50 -4.04
N VAL A 81 -19.75 -13.67 -5.34
CA VAL A 81 -20.57 -13.07 -6.37
C VAL A 81 -21.85 -13.84 -6.68
N ILE A 82 -22.37 -14.61 -5.73
CA ILE A 82 -23.56 -15.40 -6.00
C ILE A 82 -24.81 -14.56 -5.84
N ARG A 83 -24.77 -13.61 -4.94
CA ARG A 83 -25.93 -12.81 -4.62
C ARG A 83 -26.27 -11.93 -5.81
N LEU A 84 -25.25 -11.45 -6.50
CA LEU A 84 -25.39 -10.55 -7.65
C LEU A 84 -25.77 -11.29 -8.94
N LEU A 85 -25.44 -12.58 -9.01
CA LEU A 85 -25.90 -13.41 -10.11
C LEU A 85 -27.37 -13.80 -9.90
N GLU A 86 -27.78 -14.01 -8.66
CA GLU A 86 -29.19 -14.25 -8.35
C GLU A 86 -30.04 -13.00 -8.65
N ASP A 87 -29.44 -11.82 -8.43
CA ASP A 87 -30.11 -10.54 -8.65
C ASP A 87 -30.25 -10.23 -10.10
N THR A 88 -29.24 -10.58 -10.87
CA THR A 88 -29.30 -10.37 -12.28
C THR A 88 -30.36 -11.28 -12.84
N ILE A 89 -30.23 -12.55 -12.49
CA ILE A 89 -31.13 -13.57 -12.97
C ILE A 89 -32.58 -13.11 -12.77
N GLU A 90 -32.89 -12.63 -11.57
CA GLU A 90 -34.23 -12.16 -11.30
C GLU A 90 -34.56 -10.87 -12.04
N ARG A 91 -33.56 -10.01 -12.20
CA ARG A 91 -33.76 -8.72 -12.85
C ARG A 91 -34.22 -8.83 -14.31
N GLU A 92 -33.64 -9.76 -15.06
CA GLU A 92 -34.00 -9.93 -16.46
C GLU A 92 -35.29 -10.72 -16.56
N GLY A 93 -35.50 -11.62 -15.60
CA GLY A 93 -36.73 -12.38 -15.52
C GLY A 93 -36.50 -13.81 -15.96
N TYR A 94 -35.28 -14.30 -15.77
CA TYR A 94 -34.89 -15.62 -16.24
C TYR A 94 -35.15 -16.69 -15.19
N SER A 95 -35.47 -16.23 -13.98
CA SER A 95 -35.65 -17.06 -12.79
C SER A 95 -36.08 -18.48 -13.04
N ALA A 96 -37.00 -18.65 -13.98
CA ALA A 96 -37.60 -19.95 -14.21
C ALA A 96 -36.69 -20.88 -15.02
N GLU A 97 -35.50 -20.40 -15.37
CA GLU A 97 -34.55 -21.24 -16.11
C GLU A 97 -33.48 -21.84 -15.22
N PHE A 98 -33.18 -21.19 -14.11
CA PHE A 98 -32.08 -21.63 -13.28
C PHE A 98 -32.49 -22.43 -12.03
N GLU A 99 -31.56 -23.27 -11.57
CA GLU A 99 -31.63 -23.96 -10.30
C GLU A 99 -30.78 -23.16 -9.33
N ILE A 100 -31.35 -22.82 -8.18
CA ILE A 100 -30.61 -22.01 -7.22
C ILE A 100 -30.50 -22.68 -5.86
N GLN A 101 -29.28 -23.02 -5.49
CA GLN A 101 -29.02 -23.63 -4.20
C GLN A 101 -28.28 -22.68 -3.28
N ARG A 102 -27.51 -23.26 -2.37
CA ARG A 102 -26.66 -22.45 -1.50
C ARG A 102 -25.33 -22.11 -2.19
N SER A 103 -24.60 -23.11 -2.68
CA SER A 103 -23.30 -22.81 -3.29
C SER A 103 -23.24 -23.07 -4.80
N MET A 104 -24.40 -23.05 -5.45
CA MET A 104 -24.42 -23.39 -6.86
C MET A 104 -25.62 -22.83 -7.63
N ILE A 105 -25.33 -22.45 -8.87
CA ILE A 105 -26.34 -22.02 -9.80
C ILE A 105 -26.19 -22.89 -11.06
N ARG A 106 -27.27 -23.48 -11.56
CA ARG A 106 -27.20 -24.30 -12.77
C ARG A 106 -28.34 -23.99 -13.76
N HIS A 107 -28.01 -23.82 -15.04
CA HIS A 107 -29.01 -23.61 -16.10
C HIS A 107 -29.62 -24.95 -16.51
N LEU A 108 -30.94 -24.99 -16.60
CA LEU A 108 -31.67 -26.24 -16.71
C LEU A 108 -31.68 -26.75 -18.12
N GLY A 109 -31.28 -25.89 -19.05
CA GLY A 109 -31.28 -26.26 -20.45
C GLY A 109 -29.90 -26.66 -20.88
N THR A 110 -28.97 -25.71 -20.76
CA THR A 110 -27.60 -25.88 -21.23
C THR A 110 -26.79 -26.75 -20.31
N ASN A 111 -27.22 -26.83 -19.06
CA ASN A 111 -26.54 -27.56 -17.99
C ASN A 111 -25.30 -26.81 -17.51
N ALA A 112 -25.23 -25.54 -17.85
CA ALA A 112 -24.16 -24.61 -17.45
C ALA A 112 -24.05 -24.50 -15.94
N GLU A 113 -22.84 -24.40 -15.42
CA GLU A 113 -22.63 -24.40 -13.98
C GLU A 113 -21.72 -23.31 -13.41
N PHE A 114 -22.24 -22.60 -12.39
CA PHE A 114 -21.48 -21.63 -11.58
C PHE A 114 -21.07 -22.25 -10.23
N MET A 115 -19.79 -22.10 -9.87
CA MET A 115 -19.31 -22.49 -8.55
C MET A 115 -18.38 -21.42 -8.03
N PHE A 116 -18.31 -21.28 -6.71
CA PHE A 116 -17.66 -20.12 -6.10
C PHE A 116 -16.74 -20.49 -4.97
N TYR A 117 -15.44 -20.48 -5.21
CA TYR A 117 -14.50 -20.80 -4.14
C TYR A 117 -13.61 -19.64 -3.77
N GLY A 118 -12.89 -19.78 -2.67
CA GLY A 118 -11.88 -18.83 -2.29
C GLY A 118 -10.52 -19.47 -2.49
N ILE A 119 -9.59 -18.73 -3.09
CA ILE A 119 -8.25 -19.26 -3.38
C ILE A 119 -7.41 -19.52 -2.11
N LYS A 120 -7.64 -18.75 -1.04
CA LYS A 120 -6.92 -19.00 0.20
C LYS A 120 -7.51 -20.16 1.00
N ASN A 121 -8.83 -20.34 0.91
CA ASN A 121 -9.53 -21.35 1.70
C ASN A 121 -9.38 -22.77 1.18
N ASN A 122 -9.63 -22.96 -0.11
CA ASN A 122 -9.56 -24.29 -0.70
C ASN A 122 -8.60 -24.40 -1.86
N PRO A 123 -7.29 -24.36 -1.57
CA PRO A 123 -6.33 -24.51 -2.67
C PRO A 123 -6.33 -25.95 -3.20
N THR A 124 -6.66 -26.90 -2.32
CA THR A 124 -6.70 -28.30 -2.70
C THR A 124 -7.87 -28.59 -3.62
N LYS A 125 -8.98 -27.89 -3.38
CA LYS A 125 -10.19 -28.09 -4.16
C LYS A 125 -10.06 -27.45 -5.53
N ILE A 126 -9.35 -26.32 -5.59
CA ILE A 126 -9.25 -25.55 -6.82
C ILE A 126 -8.32 -26.19 -7.85
N LYS A 127 -7.26 -26.82 -7.38
CA LYS A 127 -6.40 -27.58 -8.27
C LYS A 127 -7.13 -28.82 -8.84
N SER A 128 -8.09 -29.35 -8.09
CA SER A 128 -8.72 -30.61 -8.46
C SER A 128 -9.85 -30.44 -9.47
N LEU A 129 -10.47 -29.25 -9.46
CA LEU A 129 -11.57 -28.94 -10.36
C LEU A 129 -11.25 -29.30 -11.79
N GLU A 130 -12.24 -29.79 -12.52
CA GLU A 130 -12.00 -30.21 -13.88
C GLU A 130 -13.01 -29.66 -14.90
N GLY A 131 -12.47 -29.18 -16.01
CA GLY A 131 -13.27 -28.72 -17.13
C GLY A 131 -13.77 -27.29 -16.95
N ILE A 132 -12.89 -26.39 -16.52
CA ILE A 132 -13.30 -24.99 -16.32
C ILE A 132 -13.08 -24.13 -17.57
N ASP A 133 -14.19 -23.70 -18.15
CA ASP A 133 -14.19 -22.89 -19.36
C ASP A 133 -13.90 -21.44 -19.08
N ILE A 134 -14.62 -20.88 -18.10
CA ILE A 134 -14.52 -19.48 -17.75
C ILE A 134 -14.27 -19.29 -16.26
N CYS A 135 -13.14 -18.69 -15.91
CA CYS A 135 -12.93 -18.28 -14.52
C CYS A 135 -12.97 -16.78 -14.31
N TRP A 136 -13.80 -16.38 -13.36
CA TRP A 136 -13.98 -14.97 -13.04
C TRP A 136 -13.41 -14.64 -11.65
N VAL A 137 -12.25 -13.99 -11.64
CA VAL A 137 -11.71 -13.46 -10.39
C VAL A 137 -12.33 -12.10 -10.19
N GLU A 138 -12.87 -11.85 -9.00
CA GLU A 138 -13.52 -10.57 -8.73
C GLU A 138 -12.83 -9.99 -7.52
N GLU A 139 -12.85 -8.67 -7.38
CA GLU A 139 -12.09 -7.97 -6.34
C GLU A 139 -10.65 -8.46 -6.46
N ALA A 140 -10.15 -8.43 -7.69
CA ALA A 140 -8.90 -9.09 -8.04
C ALA A 140 -7.67 -8.39 -7.48
N GLU A 141 -7.86 -7.17 -7.00
CA GLU A 141 -6.77 -6.34 -6.50
C GLU A 141 -6.22 -6.85 -5.17
N ALA A 142 -7.01 -7.67 -4.50
CA ALA A 142 -6.61 -8.26 -3.23
C ALA A 142 -5.87 -9.58 -3.45
N VAL A 143 -6.01 -10.14 -4.65
CA VAL A 143 -5.38 -11.40 -5.01
C VAL A 143 -3.85 -11.32 -5.12
N THR A 144 -3.16 -11.99 -4.20
CA THR A 144 -1.71 -11.96 -4.14
C THR A 144 -1.07 -12.76 -5.28
N LYS A 145 0.26 -12.75 -5.36
CA LYS A 145 0.96 -13.47 -6.41
C LYS A 145 0.89 -14.97 -6.22
N GLU A 146 0.92 -15.40 -4.96
CA GLU A 146 0.88 -16.83 -4.68
C GLU A 146 -0.43 -17.46 -5.18
N SER A 147 -1.51 -16.68 -5.17
CA SER A 147 -2.79 -17.16 -5.69
C SER A 147 -2.88 -17.19 -7.22
N TRP A 148 -2.31 -16.19 -7.88
CA TRP A 148 -2.25 -16.20 -9.34
C TRP A 148 -1.47 -17.39 -9.83
N ASP A 149 -0.45 -17.78 -9.07
CA ASP A 149 0.40 -18.90 -9.46
C ASP A 149 -0.29 -20.24 -9.26
N ILE A 150 -1.11 -20.34 -8.22
CA ILE A 150 -1.91 -21.54 -7.98
C ILE A 150 -3.07 -21.64 -8.98
N LEU A 151 -3.75 -20.53 -9.21
CA LEU A 151 -4.93 -20.52 -10.07
C LEU A 151 -4.63 -20.76 -11.54
N ILE A 152 -4.06 -19.73 -12.17
CA ILE A 152 -3.79 -19.70 -13.63
C ILE A 152 -3.42 -21.03 -14.32
N PRO A 153 -2.57 -21.86 -13.69
CA PRO A 153 -2.37 -23.17 -14.33
C PRO A 153 -3.57 -24.09 -14.23
N THR A 154 -4.45 -23.91 -13.24
CA THR A 154 -5.58 -24.84 -13.11
C THR A 154 -6.66 -24.64 -14.18
N ILE A 155 -6.71 -23.45 -14.76
CA ILE A 155 -7.64 -23.17 -15.85
C ILE A 155 -6.94 -23.44 -17.19
N ARG A 156 -6.78 -24.72 -17.53
CA ARG A 156 -5.90 -25.08 -18.62
C ARG A 156 -6.56 -25.75 -19.83
N LYS A 157 -7.87 -26.00 -19.75
CA LYS A 157 -8.65 -26.46 -20.89
C LYS A 157 -8.44 -25.48 -22.05
N PRO A 158 -8.44 -25.98 -23.30
CA PRO A 158 -8.21 -25.09 -24.43
C PRO A 158 -9.39 -24.14 -24.68
N PHE A 159 -9.09 -22.96 -25.23
CA PHE A 159 -10.06 -21.86 -25.35
C PHE A 159 -10.74 -21.50 -24.04
N SER A 160 -10.12 -21.83 -22.92
CA SER A 160 -10.58 -21.31 -21.65
C SER A 160 -10.16 -19.85 -21.51
N GLU A 161 -10.99 -19.08 -20.80
CA GLU A 161 -10.76 -17.67 -20.58
C GLU A 161 -10.75 -17.43 -19.08
N ILE A 162 -9.96 -16.45 -18.66
CA ILE A 162 -9.90 -16.02 -17.26
C ILE A 162 -10.33 -14.56 -17.25
N TRP A 163 -11.46 -14.28 -16.61
CA TRP A 163 -12.00 -12.93 -16.56
C TRP A 163 -11.62 -12.21 -15.28
N VAL A 164 -11.17 -10.97 -15.39
CA VAL A 164 -10.63 -10.27 -14.22
C VAL A 164 -11.18 -8.85 -14.06
N SER A 165 -11.91 -8.60 -12.98
CA SER A 165 -12.35 -7.25 -12.67
C SER A 165 -11.60 -6.74 -11.44
N PHE A 166 -11.27 -5.45 -11.39
CA PHE A 166 -10.61 -4.87 -10.21
C PHE A 166 -10.43 -3.34 -10.19
N ASN A 167 -10.46 -2.76 -9.00
CA ASN A 167 -10.01 -1.39 -8.78
C ASN A 167 -8.53 -1.46 -8.45
N PRO A 168 -7.71 -0.59 -9.05
CA PRO A 168 -6.27 -0.68 -8.74
C PRO A 168 -5.85 0.02 -7.44
N LYS A 169 -5.04 -0.65 -6.62
CA LYS A 169 -4.56 -0.05 -5.39
C LYS A 169 -3.22 0.62 -5.61
N ASN A 170 -2.15 -0.08 -5.23
CA ASN A 170 -0.80 0.37 -5.52
C ASN A 170 -0.35 -0.11 -6.91
N ILE A 171 0.61 0.60 -7.50
CA ILE A 171 1.07 0.27 -8.84
C ILE A 171 2.06 -0.89 -8.85
N LEU A 172 2.48 -1.32 -7.66
CA LEU A 172 3.48 -2.36 -7.57
C LEU A 172 2.92 -3.64 -7.00
N ASP A 173 1.59 -3.74 -6.97
CA ASP A 173 0.95 -4.98 -6.53
C ASP A 173 0.92 -5.94 -7.71
N ASP A 174 0.68 -7.22 -7.44
CA ASP A 174 0.91 -8.24 -8.47
C ASP A 174 -0.07 -8.17 -9.62
N THR A 175 -1.34 -8.09 -9.29
CA THR A 175 -2.39 -8.05 -10.30
C THR A 175 -2.21 -6.91 -11.30
N TYR A 176 -1.77 -5.74 -10.83
CA TYR A 176 -1.56 -4.60 -11.71
C TYR A 176 -0.32 -4.77 -12.55
N GLN A 177 0.67 -5.43 -11.97
CA GLN A 177 1.89 -5.77 -12.67
C GLN A 177 1.61 -6.76 -13.80
N ARG A 178 0.84 -7.79 -13.50
CA ARG A 178 0.63 -8.93 -14.40
C ARG A 178 -0.16 -8.62 -15.68
N PHE A 179 -1.04 -7.61 -15.63
CA PHE A 179 -2.01 -7.37 -16.70
C PHE A 179 -1.93 -5.97 -17.29
N VAL A 180 -1.51 -5.01 -16.49
CA VAL A 180 -1.37 -3.64 -16.98
C VAL A 180 0.09 -3.34 -17.34
N VAL A 181 0.99 -3.67 -16.43
CA VAL A 181 2.41 -3.42 -16.66
C VAL A 181 3.06 -4.43 -17.62
N ASN A 182 2.99 -5.72 -17.31
CA ASN A 182 3.66 -6.72 -18.13
C ASN A 182 2.69 -7.75 -18.68
N PRO A 183 1.76 -7.31 -19.55
CA PRO A 183 0.62 -8.11 -19.95
C PRO A 183 1.03 -9.45 -20.54
N PRO A 184 0.14 -10.44 -20.44
CA PRO A 184 0.33 -11.74 -21.08
C PRO A 184 0.03 -11.63 -22.58
N ASP A 185 -0.15 -12.76 -23.26
CA ASP A 185 -0.58 -12.70 -24.64
C ASP A 185 -2.11 -12.72 -24.71
N ASP A 186 -2.65 -12.13 -25.78
CA ASP A 186 -4.09 -12.15 -26.03
C ASP A 186 -4.86 -11.55 -24.86
N ILE A 187 -4.73 -10.25 -24.66
CA ILE A 187 -5.44 -9.58 -23.58
C ILE A 187 -6.31 -8.44 -24.10
N CYS A 188 -7.56 -8.46 -23.67
CA CYS A 188 -8.47 -7.37 -23.94
C CYS A 188 -8.51 -6.55 -22.67
N LEU A 189 -7.91 -5.36 -22.70
CA LEU A 189 -7.85 -4.51 -21.51
C LEU A 189 -8.82 -3.34 -21.61
N LEU A 190 -9.88 -3.40 -20.81
CA LEU A 190 -10.86 -2.33 -20.74
C LEU A 190 -10.65 -1.49 -19.48
N THR A 191 -10.69 -0.17 -19.67
CA THR A 191 -10.68 0.75 -18.56
C THR A 191 -12.02 1.44 -18.53
N VAL A 192 -12.49 1.75 -17.33
CA VAL A 192 -13.82 2.28 -17.19
C VAL A 192 -13.88 3.09 -15.90
N ASN A 193 -14.61 4.19 -15.91
CA ASN A 193 -14.94 4.88 -14.67
C ASN A 193 -16.44 5.08 -14.58
N TYR A 194 -16.90 5.78 -13.55
CA TYR A 194 -18.30 6.10 -13.43
C TYR A 194 -18.67 7.01 -14.61
N THR A 195 -17.66 7.71 -15.12
CA THR A 195 -17.78 8.54 -16.31
C THR A 195 -18.31 7.73 -17.51
N ASP A 196 -18.47 6.42 -17.33
CA ASP A 196 -18.88 5.52 -18.40
C ASP A 196 -20.12 4.74 -18.02
N ASN A 197 -20.74 5.12 -16.91
CA ASN A 197 -21.92 4.40 -16.42
C ASN A 197 -23.23 5.11 -16.71
N PRO A 198 -24.01 4.58 -17.67
CA PRO A 198 -25.31 5.14 -18.11
C PRO A 198 -26.36 5.12 -17.02
N HIS A 199 -26.24 4.20 -16.07
CA HIS A 199 -27.21 4.08 -14.99
C HIS A 199 -26.60 4.39 -13.64
N PHE A 200 -25.92 5.52 -13.54
CA PHE A 200 -25.14 5.81 -12.35
C PHE A 200 -25.98 6.33 -11.17
N PRO A 201 -26.20 5.45 -10.16
CA PRO A 201 -27.11 5.74 -9.04
C PRO A 201 -26.75 7.02 -8.29
N GLU A 202 -27.77 7.66 -7.76
CA GLU A 202 -27.59 8.91 -7.03
C GLU A 202 -26.93 8.63 -5.67
N VAL A 203 -27.21 7.46 -5.11
CA VAL A 203 -26.57 7.00 -3.88
C VAL A 203 -25.06 7.13 -4.01
N LEU A 204 -24.55 6.71 -5.16
CA LEU A 204 -23.13 6.77 -5.46
C LEU A 204 -22.68 8.12 -5.97
N ARG A 205 -23.52 8.80 -6.77
CA ARG A 205 -23.15 10.13 -7.26
C ARG A 205 -22.91 11.03 -6.07
N LEU A 206 -23.64 10.80 -4.99
CA LEU A 206 -23.49 11.61 -3.78
C LEU A 206 -22.13 11.38 -3.10
N GLU A 207 -21.88 10.15 -2.65
CA GLU A 207 -20.59 9.76 -2.07
C GLU A 207 -19.42 10.34 -2.83
N MET A 208 -19.53 10.32 -4.16
CA MET A 208 -18.45 10.69 -5.08
C MET A 208 -18.26 12.20 -5.22
N GLU A 209 -19.34 12.98 -5.06
CA GLU A 209 -19.22 14.45 -5.07
C GLU A 209 -18.67 15.00 -3.75
N GLU A 210 -19.11 14.39 -2.65
CA GLU A 210 -18.56 14.65 -1.33
C GLU A 210 -17.05 14.47 -1.34
N CYS A 211 -16.62 13.39 -1.98
CA CYS A 211 -15.21 13.01 -2.01
C CYS A 211 -14.38 13.96 -2.86
N LYS A 212 -14.82 14.20 -4.09
CA LYS A 212 -14.12 15.10 -5.03
C LYS A 212 -13.76 16.41 -4.35
N ARG A 213 -14.69 16.92 -3.53
CA ARG A 213 -14.55 18.21 -2.85
C ARG A 213 -13.67 18.15 -1.58
N ARG A 214 -13.87 17.12 -0.75
CA ARG A 214 -13.12 16.96 0.50
C ARG A 214 -11.67 16.46 0.33
N ASN A 215 -11.40 15.72 -0.74
CA ASN A 215 -10.09 15.08 -0.93
C ASN A 215 -9.87 14.66 -2.38
N PRO A 216 -9.50 15.61 -3.27
CA PRO A 216 -9.24 15.35 -4.69
C PRO A 216 -8.28 14.18 -4.95
N THR A 217 -7.34 13.99 -4.04
CA THR A 217 -6.32 12.96 -4.21
C THR A 217 -6.88 11.58 -3.94
N LEU A 218 -7.69 11.46 -2.90
CA LEU A 218 -8.33 10.19 -2.60
C LEU A 218 -9.40 9.91 -3.67
N TYR A 219 -10.02 10.98 -4.18
CA TYR A 219 -11.02 10.86 -5.24
C TYR A 219 -10.44 10.26 -6.52
N ARG A 220 -9.27 10.74 -6.93
CA ARG A 220 -8.63 10.22 -8.12
C ARG A 220 -8.19 8.78 -7.93
N HIS A 221 -7.87 8.41 -6.70
CA HIS A 221 -7.52 7.03 -6.37
C HIS A 221 -8.77 6.19 -6.53
N ILE A 222 -9.83 6.58 -5.81
CA ILE A 222 -11.02 5.76 -5.67
C ILE A 222 -11.91 5.69 -6.91
N TRP A 223 -12.23 6.86 -7.47
CA TRP A 223 -13.30 6.94 -8.46
C TRP A 223 -12.82 7.03 -9.90
N LEU A 224 -11.57 7.43 -10.10
CA LEU A 224 -11.02 7.51 -11.44
C LEU A 224 -9.98 6.43 -11.57
N GLY A 225 -9.97 5.55 -10.56
CA GLY A 225 -9.18 4.36 -10.56
C GLY A 225 -7.69 4.48 -10.86
N GLU A 226 -7.10 5.64 -10.59
CA GLU A 226 -5.66 5.81 -10.74
C GLU A 226 -4.95 5.13 -9.57
N PRO A 227 -3.99 4.25 -9.86
CA PRO A 227 -3.29 3.53 -8.78
C PRO A 227 -2.36 4.43 -7.98
N VAL A 228 -1.94 3.95 -6.83
CA VAL A 228 -0.95 4.63 -6.01
C VAL A 228 0.42 4.37 -6.64
N SER A 229 1.07 5.42 -7.12
CA SER A 229 2.40 5.23 -7.70
C SER A 229 3.41 6.16 -7.04
N ALA A 230 4.69 5.93 -7.32
CA ALA A 230 5.73 6.81 -6.82
C ALA A 230 5.50 8.13 -7.53
N SER A 231 5.45 9.21 -6.76
CA SER A 231 5.55 10.56 -7.30
C SER A 231 6.91 10.67 -7.93
N ASP A 232 7.07 11.67 -8.78
CA ASP A 232 8.35 11.94 -9.42
C ASP A 232 9.26 12.71 -8.44
N MET A 233 8.63 13.34 -7.44
CA MET A 233 9.34 14.14 -6.46
C MET A 233 9.76 13.34 -5.23
N ALA A 234 9.65 12.02 -5.30
CA ALA A 234 9.90 11.16 -4.16
C ALA A 234 11.37 10.77 -4.00
N ILE A 235 11.80 10.71 -2.75
CA ILE A 235 13.19 10.57 -2.41
C ILE A 235 13.58 9.13 -2.07
N ILE A 236 12.56 8.28 -1.96
CA ILE A 236 12.72 6.92 -1.46
C ILE A 236 11.85 6.01 -2.34
N LYS A 237 12.43 4.99 -2.96
CA LYS A 237 11.65 4.08 -3.78
C LYS A 237 11.19 2.91 -2.95
N ARG A 238 9.98 2.45 -3.20
CA ARG A 238 9.44 1.28 -2.52
C ARG A 238 10.41 0.10 -2.55
N GLU A 239 10.94 -0.14 -3.73
CA GLU A 239 11.84 -1.24 -3.99
C GLU A 239 13.02 -1.26 -3.02
N TRP A 240 13.55 -0.08 -2.69
CA TRP A 240 14.67 0.02 -1.75
C TRP A 240 14.23 -0.53 -0.39
N LEU A 241 13.08 -0.07 0.06
CA LEU A 241 12.53 -0.50 1.34
C LEU A 241 12.36 -2.01 1.46
N GLU A 242 11.88 -2.65 0.39
CA GLU A 242 11.76 -4.10 0.36
C GLU A 242 13.12 -4.73 0.49
N ALA A 243 14.03 -4.30 -0.39
CA ALA A 243 15.43 -4.71 -0.34
C ALA A 243 15.99 -4.54 1.07
N ALA A 244 15.76 -3.36 1.65
CA ALA A 244 16.24 -3.04 2.99
C ALA A 244 15.78 -4.03 4.07
N THR A 245 14.60 -4.59 3.89
CA THR A 245 14.04 -5.48 4.90
C THR A 245 14.89 -6.72 5.15
N ASP A 246 15.33 -6.86 6.40
CA ASP A 246 16.14 -7.98 6.85
C ASP A 246 17.42 -8.09 6.06
N ALA A 247 17.89 -6.96 5.55
CA ALA A 247 19.11 -6.90 4.74
C ALA A 247 20.36 -7.27 5.53
N HIS A 248 20.27 -7.19 6.86
CA HIS A 248 21.37 -7.61 7.72
C HIS A 248 21.35 -9.13 7.85
N LYS A 249 20.21 -9.73 7.55
CA LYS A 249 20.14 -11.18 7.51
C LYS A 249 20.52 -11.70 6.14
N LYS A 250 20.32 -10.89 5.11
CA LYS A 250 20.63 -11.30 3.74
C LYS A 250 22.14 -11.21 3.41
N LEU A 251 22.83 -10.23 3.99
CA LEU A 251 24.25 -10.05 3.69
C LEU A 251 25.10 -10.58 4.83
N GLY A 252 24.45 -10.84 5.95
CA GLY A 252 25.12 -11.39 7.11
C GLY A 252 26.03 -10.40 7.80
N TRP A 253 25.44 -9.54 8.61
CA TRP A 253 26.18 -8.66 9.52
C TRP A 253 25.24 -8.24 10.66
N LYS A 254 25.81 -7.93 11.83
CA LYS A 254 25.02 -7.68 13.02
C LYS A 254 24.85 -6.19 13.34
N ALA A 255 23.87 -5.90 14.21
CA ALA A 255 23.66 -4.53 14.70
C ALA A 255 24.82 -4.09 15.60
N LYS A 256 25.52 -3.04 15.16
CA LYS A 256 26.73 -2.60 15.82
C LYS A 256 26.70 -1.09 15.91
N GLY A 257 26.70 -0.56 17.13
CA GLY A 257 26.71 0.90 17.31
C GLY A 257 25.98 1.31 18.58
N ALA A 258 25.60 2.59 18.64
CA ALA A 258 24.78 3.08 19.75
C ALA A 258 23.32 2.86 19.41
N VAL A 259 22.47 2.90 20.42
CA VAL A 259 21.04 2.86 20.19
C VAL A 259 20.52 4.27 20.24
N VAL A 260 19.66 4.61 19.29
CA VAL A 260 19.13 5.94 19.17
C VAL A 260 17.61 5.85 19.17
N SER A 261 16.90 6.68 19.95
CA SER A 261 15.45 6.69 19.86
C SER A 261 14.94 8.07 19.54
N ALA A 262 13.84 8.11 18.80
CA ALA A 262 13.25 9.37 18.39
C ALA A 262 11.76 9.31 18.65
N HIS A 263 11.22 10.43 19.15
CA HIS A 263 9.79 10.62 19.37
C HIS A 263 9.33 11.76 18.49
N ASP A 264 8.17 11.63 17.84
CA ASP A 264 7.57 12.76 17.12
C ASP A 264 6.20 13.08 17.68
N PRO A 265 6.09 14.22 18.38
CA PRO A 265 4.93 14.57 19.20
C PRO A 265 3.73 14.97 18.38
N SER A 266 3.86 14.99 17.05
CA SER A 266 2.73 15.35 16.21
C SER A 266 2.19 16.75 16.54
N ASP A 267 0.87 16.84 16.71
CA ASP A 267 0.21 18.11 17.00
C ASP A 267 -0.95 17.96 18.00
N THR A 268 -1.93 18.85 17.90
CA THR A 268 -3.14 18.76 18.69
C THR A 268 -4.23 18.04 17.90
N GLY A 269 -3.90 17.61 16.68
CA GLY A 269 -4.84 16.93 15.81
C GLY A 269 -5.00 15.46 16.14
N PRO A 270 -5.78 14.73 15.31
CA PRO A 270 -6.03 13.31 15.61
C PRO A 270 -4.80 12.47 15.34
N ASP A 271 -3.87 13.00 14.54
CA ASP A 271 -2.70 12.28 14.06
C ASP A 271 -1.92 11.55 15.15
N ALA A 272 -1.34 10.41 14.77
CA ALA A 272 -0.78 9.47 15.73
C ALA A 272 0.68 9.79 16.06
N LYS A 273 1.04 9.68 17.33
CA LYS A 273 2.41 9.96 17.73
C LYS A 273 3.39 8.90 17.25
N GLY A 274 4.62 9.33 17.00
CA GLY A 274 5.62 8.45 16.45
C GLY A 274 6.73 8.17 17.43
N TYR A 275 7.20 6.93 17.38
CA TYR A 275 8.45 6.58 18.03
C TYR A 275 9.20 5.61 17.12
N ALA A 276 10.49 5.88 16.93
CA ALA A 276 11.37 5.03 16.15
C ALA A 276 12.55 4.73 17.03
N SER A 277 13.46 3.89 16.56
CA SER A 277 14.55 3.42 17.40
C SER A 277 15.41 2.45 16.61
N ARG A 278 16.72 2.57 16.78
CA ARG A 278 17.63 1.65 16.13
C ARG A 278 18.87 1.29 16.95
N HIS A 279 19.49 0.20 16.55
CA HIS A 279 20.75 -0.26 17.10
C HIS A 279 21.67 -0.35 15.89
N GLY A 280 22.70 0.50 15.86
CA GLY A 280 23.57 0.62 14.71
C GLY A 280 22.78 0.92 13.44
N SER A 281 22.88 0.01 12.48
CA SER A 281 22.28 0.17 11.16
C SER A 281 20.98 -0.56 11.05
N VAL A 282 20.55 -1.17 12.15
CA VAL A 282 19.34 -1.98 12.17
C VAL A 282 18.25 -1.29 12.99
N VAL A 283 17.11 -1.05 12.36
CA VAL A 283 15.99 -0.44 13.03
C VAL A 283 15.29 -1.50 13.84
N LYS A 284 14.88 -1.20 15.07
CA LYS A 284 14.40 -2.28 15.92
C LYS A 284 12.98 -2.10 16.45
N ARG A 285 12.54 -0.85 16.62
CA ARG A 285 11.16 -0.61 17.00
C ARG A 285 10.58 0.54 16.16
N ILE A 286 9.31 0.41 15.77
CA ILE A 286 8.59 1.49 15.13
C ILE A 286 7.24 1.45 15.83
N ALA A 287 6.99 2.39 16.73
CA ALA A 287 5.76 2.34 17.49
C ALA A 287 4.90 3.54 17.20
N GLU A 288 3.58 3.38 17.22
CA GLU A 288 2.66 4.49 17.05
C GLU A 288 1.93 4.78 18.35
N GLY A 289 1.80 6.05 18.69
CA GLY A 289 1.21 6.45 19.96
C GLY A 289 -0.15 7.07 19.76
N LEU A 290 -1.17 6.41 20.30
CA LEU A 290 -2.55 6.78 20.01
C LEU A 290 -3.32 7.28 21.22
N LEU A 291 -4.27 8.16 20.93
CA LEU A 291 -5.12 8.80 21.94
C LEU A 291 -4.32 9.49 23.07
N MET A 292 -3.21 10.14 22.70
CA MET A 292 -2.29 10.72 23.69
C MET A 292 -2.08 12.22 23.55
N ASP A 293 -2.11 12.96 24.65
CA ASP A 293 -1.75 14.36 24.61
C ASP A 293 -0.23 14.50 24.56
N ILE A 294 0.25 15.73 24.69
CA ILE A 294 1.67 15.98 24.54
C ILE A 294 2.52 15.37 25.66
N ASN A 295 2.02 15.41 26.90
CA ASN A 295 2.81 14.95 28.02
C ASN A 295 2.76 13.44 28.22
N GLU A 296 1.56 12.86 28.10
CA GLU A 296 1.39 11.41 28.04
C GLU A 296 2.23 10.86 26.91
N GLY A 297 2.12 11.50 25.76
CA GLY A 297 2.86 11.08 24.59
C GLY A 297 4.31 11.15 24.96
N ALA A 298 4.68 12.18 25.72
CA ALA A 298 6.06 12.36 26.18
C ALA A 298 6.49 11.21 27.08
N ASP A 299 5.67 10.92 28.10
CA ASP A 299 5.93 9.81 29.01
C ASP A 299 6.07 8.49 28.25
N TRP A 300 5.31 8.37 27.18
CA TRP A 300 5.26 7.15 26.38
C TRP A 300 6.60 6.83 25.72
N ALA A 301 7.06 7.74 24.86
CA ALA A 301 8.29 7.58 24.10
C ALA A 301 9.50 7.55 25.02
N THR A 302 9.41 8.27 26.12
CA THR A 302 10.49 8.35 27.09
C THR A 302 10.71 6.99 27.75
N SER A 303 9.63 6.27 28.03
CA SER A 303 9.75 4.96 28.65
C SER A 303 10.26 3.94 27.64
N LEU A 304 9.75 4.04 26.42
CA LEU A 304 10.18 3.17 25.33
C LEU A 304 11.65 3.31 25.06
N ALA A 305 12.18 4.52 25.18
CA ALA A 305 13.61 4.73 24.96
C ALA A 305 14.43 4.10 26.10
N ILE A 306 13.96 4.23 27.34
CA ILE A 306 14.53 3.49 28.46
C ILE A 306 14.44 2.00 28.21
N GLU A 307 13.25 1.53 27.86
CA GLU A 307 13.05 0.11 27.60
C GLU A 307 13.97 -0.44 26.53
N ASP A 308 14.22 0.35 25.49
CA ASP A 308 15.06 -0.09 24.39
C ASP A 308 16.53 0.19 24.66
N GLY A 309 16.82 0.66 25.88
CA GLY A 309 18.17 0.97 26.31
C GLY A 309 18.86 2.03 25.46
N ALA A 310 18.17 3.12 25.17
CA ALA A 310 18.69 4.13 24.27
C ALA A 310 19.93 4.79 24.83
N ASP A 311 20.85 5.19 23.96
CA ASP A 311 22.01 5.93 24.41
C ASP A 311 21.67 7.36 24.18
N HIS A 312 20.95 7.57 23.08
CA HIS A 312 20.54 8.90 22.69
C HIS A 312 19.05 8.86 22.50
N TYR A 313 18.43 10.01 22.64
CA TYR A 313 17.01 10.14 22.38
C TYR A 313 16.68 11.57 21.97
N LEU A 314 16.06 11.73 20.82
CA LEU A 314 15.75 13.08 20.32
C LEU A 314 14.27 13.22 20.17
N TRP A 315 13.80 14.41 19.86
CA TRP A 315 12.39 14.59 19.56
C TRP A 315 12.16 15.91 18.81
N ASP A 316 11.03 16.04 18.12
CA ASP A 316 10.76 17.28 17.43
C ASP A 316 10.27 18.35 18.39
N GLY A 317 10.95 19.48 18.39
CA GLY A 317 10.58 20.62 19.21
C GLY A 317 9.99 21.79 18.43
N ASP A 318 10.12 21.73 17.10
CA ASP A 318 9.64 22.77 16.20
C ASP A 318 8.23 23.26 16.55
N GLY A 319 7.33 22.32 16.80
CA GLY A 319 5.96 22.68 17.07
C GLY A 319 5.60 22.70 18.54
N VAL A 320 4.66 21.82 18.88
CA VAL A 320 4.12 21.70 20.23
C VAL A 320 5.19 21.13 21.16
N GLY A 321 6.23 20.55 20.57
CA GLY A 321 7.24 19.83 21.34
C GLY A 321 8.31 20.67 22.02
N ALA A 322 8.24 21.98 21.81
CA ALA A 322 9.24 22.91 22.32
C ALA A 322 9.38 22.89 23.84
N GLY A 323 8.28 22.70 24.55
CA GLY A 323 8.33 22.79 26.01
C GLY A 323 8.52 21.46 26.73
N LEU A 324 8.82 20.41 25.97
CA LEU A 324 8.96 19.08 26.53
C LEU A 324 10.26 18.94 27.30
N ARG A 325 11.22 19.82 26.99
CA ARG A 325 12.60 19.68 27.44
C ARG A 325 12.77 19.29 28.89
N ARG A 326 11.99 19.91 29.78
CA ARG A 326 12.20 19.71 31.21
C ARG A 326 11.69 18.33 31.64
N GLN A 327 10.55 17.97 31.10
CA GLN A 327 9.92 16.71 31.41
C GLN A 327 10.73 15.52 30.90
N THR A 328 11.49 15.74 29.84
CA THR A 328 12.31 14.68 29.28
C THR A 328 13.56 14.42 30.10
N THR A 329 14.26 15.48 30.49
CA THR A 329 15.50 15.28 31.21
C THR A 329 15.22 14.69 32.59
N GLU A 330 14.05 15.01 33.15
CA GLU A 330 13.62 14.46 34.44
C GLU A 330 13.28 12.97 34.38
N ALA A 331 12.71 12.56 33.25
CA ALA A 331 12.43 11.16 32.97
C ALA A 331 13.72 10.33 32.85
N PHE A 332 14.73 10.91 32.23
CA PHE A 332 16.02 10.23 32.07
C PHE A 332 17.00 10.46 33.22
N SER A 333 16.56 11.09 34.30
CA SER A 333 17.40 11.25 35.49
C SER A 333 17.95 9.90 35.95
N GLY A 334 19.22 9.86 36.33
CA GLY A 334 19.79 8.61 36.79
C GLY A 334 20.37 7.73 35.68
N LYS A 335 20.01 8.01 34.43
CA LYS A 335 20.55 7.22 33.33
C LYS A 335 21.37 8.07 32.38
N LYS A 336 22.40 7.47 31.78
CA LYS A 336 23.18 8.15 30.77
C LYS A 336 22.46 8.12 29.42
N ILE A 337 21.55 9.06 29.22
CA ILE A 337 20.91 9.21 27.90
C ILE A 337 20.83 10.69 27.49
N THR A 338 21.54 11.00 26.41
CA THR A 338 21.49 12.34 25.84
C THR A 338 20.11 12.57 25.22
N ALA A 339 19.45 13.64 25.66
CA ALA A 339 18.17 14.04 25.09
C ALA A 339 18.36 15.33 24.32
N THR A 340 17.77 15.43 23.14
CA THR A 340 18.08 16.50 22.23
C THR A 340 16.83 16.99 21.51
N MET A 341 16.59 18.30 21.54
CA MET A 341 15.49 18.85 20.76
C MET A 341 15.99 19.09 19.35
N PHE A 342 15.44 18.33 18.41
CA PHE A 342 15.76 18.42 17.00
C PHE A 342 14.82 19.44 16.32
N LYS A 343 15.39 20.37 15.56
CA LYS A 343 14.58 21.30 14.78
C LYS A 343 14.93 21.19 13.31
N GLY A 344 13.95 20.74 12.53
CA GLY A 344 14.15 20.37 11.15
C GLY A 344 14.24 21.59 10.26
N SER A 345 13.59 22.65 10.69
CA SER A 345 13.62 23.91 9.95
C SER A 345 14.85 24.77 10.24
N GLU A 346 15.73 24.33 11.13
CA GLU A 346 16.96 25.05 11.39
C GLU A 346 17.93 24.77 10.29
N SER A 347 18.99 25.55 10.20
CA SER A 347 19.99 25.37 9.14
C SER A 347 20.67 24.00 9.27
N PRO A 348 21.37 23.52 8.21
CA PRO A 348 21.89 22.15 8.29
C PRO A 348 23.06 22.00 9.27
N PHE A 349 23.08 20.88 10.01
CA PHE A 349 24.18 20.48 10.88
C PHE A 349 25.49 20.49 10.10
N ASP A 350 26.44 21.28 10.60
CA ASP A 350 27.75 21.44 10.01
C ASP A 350 27.64 22.10 8.64
N GLU A 351 27.04 23.28 8.58
CA GLU A 351 26.66 23.90 7.30
C GLU A 351 27.81 24.49 6.47
N ASP A 352 28.92 24.80 7.12
CA ASP A 352 30.09 25.37 6.44
C ASP A 352 31.06 24.31 5.93
N ALA A 353 30.94 23.11 6.49
CA ALA A 353 31.77 21.98 6.11
C ALA A 353 31.54 21.61 4.64
N PRO A 354 32.57 21.07 3.98
CA PRO A 354 32.37 20.79 2.55
C PRO A 354 31.39 19.62 2.39
N TYR A 355 30.83 19.46 1.20
CA TYR A 355 29.84 18.41 1.00
C TYR A 355 30.51 17.12 0.51
N GLN A 356 30.03 15.98 1.03
CA GLN A 356 30.73 14.72 0.88
C GLN A 356 29.73 13.56 0.84
N ARG A 371 31.94 23.76 -2.74
CA ARG A 371 30.56 23.52 -2.36
C ARG A 371 30.40 22.94 -0.94
N THR A 372 29.59 23.58 -0.10
CA THR A 372 29.43 23.13 1.29
C THR A 372 28.09 22.46 1.58
N ILE A 373 28.00 21.84 2.76
CA ILE A 373 26.74 21.29 3.23
C ILE A 373 25.60 22.29 3.05
N GLY A 374 25.72 23.44 3.71
CA GLY A 374 24.77 24.53 3.59
C GLY A 374 24.30 24.92 2.19
N ASP A 375 25.16 24.77 1.18
CA ASP A 375 24.78 25.07 -0.20
C ASP A 375 23.79 24.06 -0.71
N VAL A 376 23.91 22.86 -0.17
CA VAL A 376 23.21 21.69 -0.69
C VAL A 376 21.83 21.42 -0.05
N PHE A 377 21.71 21.55 1.26
CA PHE A 377 20.41 21.34 1.88
C PHE A 377 19.83 22.63 2.38
N ARG A 378 18.50 22.73 2.38
CA ARG A 378 17.93 23.93 2.93
C ARG A 378 17.89 23.92 4.47
N ASN A 379 17.61 22.77 5.08
CA ASN A 379 17.52 22.69 6.53
C ASN A 379 17.88 21.30 7.02
N LYS A 380 17.76 21.05 8.33
CA LYS A 380 18.13 19.76 8.89
C LYS A 380 17.15 18.70 8.43
N ARG A 381 15.95 19.13 8.10
CA ARG A 381 14.91 18.17 7.78
C ARG A 381 15.26 17.51 6.47
N ALA A 382 15.70 18.31 5.51
CA ALA A 382 16.13 17.78 4.23
C ALA A 382 17.41 16.96 4.42
N GLN A 383 18.40 17.54 5.08
CA GLN A 383 19.66 16.82 5.37
C GLN A 383 19.44 15.37 5.82
N PHE A 384 18.54 15.18 6.78
CA PHE A 384 18.42 13.87 7.36
C PHE A 384 17.51 12.90 6.67
N TYR A 385 16.53 13.39 5.89
CA TYR A 385 15.76 12.48 5.05
C TYR A 385 16.68 11.96 3.96
N TYR A 386 17.61 12.80 3.55
CA TYR A 386 18.53 12.43 2.49
C TYR A 386 19.59 11.43 2.94
N ALA A 387 20.12 11.62 4.14
CA ALA A 387 20.97 10.64 4.80
C ALA A 387 20.30 9.28 4.79
N LEU A 388 19.02 9.29 5.16
CA LEU A 388 18.20 8.09 5.17
C LEU A 388 18.14 7.46 3.79
N ALA A 389 17.72 8.22 2.79
CA ALA A 389 17.63 7.71 1.43
C ALA A 389 18.93 7.14 0.84
N ASP A 390 20.06 7.80 1.07
CA ASP A 390 21.35 7.30 0.59
C ASP A 390 21.69 5.98 1.26
N ARG A 391 21.38 5.92 2.54
CA ARG A 391 21.57 4.71 3.31
C ARG A 391 20.76 3.60 2.70
N LEU A 392 19.50 3.89 2.37
CA LEU A 392 18.57 2.91 1.81
C LEU A 392 19.09 2.48 0.47
N TYR A 393 19.29 3.46 -0.40
CA TYR A 393 19.77 3.22 -1.74
C TYR A 393 21.00 2.33 -1.77
N LEU A 394 21.86 2.51 -0.79
CA LEU A 394 23.09 1.76 -0.71
C LEU A 394 22.77 0.30 -0.54
N THR A 395 22.06 0.00 0.54
CA THR A 395 21.59 -1.33 0.89
C THR A 395 20.93 -1.97 -0.29
N TYR A 396 20.08 -1.20 -0.95
CA TYR A 396 19.41 -1.68 -2.14
C TYR A 396 20.42 -2.10 -3.17
N ARG A 397 21.48 -1.31 -3.41
CA ARG A 397 22.52 -1.71 -4.37
C ARG A 397 23.28 -2.93 -3.89
N ALA A 398 23.45 -3.04 -2.58
CA ALA A 398 24.19 -4.15 -2.02
C ALA A 398 23.34 -5.39 -2.12
N VAL A 399 22.10 -5.31 -1.66
CA VAL A 399 21.22 -6.48 -1.68
C VAL A 399 20.94 -6.97 -3.10
N VAL A 400 20.66 -6.04 -4.00
CA VAL A 400 20.04 -6.38 -5.27
C VAL A 400 21.01 -6.49 -6.46
N HIS A 401 22.10 -5.73 -6.45
CA HIS A 401 23.06 -5.85 -7.54
C HIS A 401 24.44 -6.39 -7.11
N GLY A 402 24.55 -6.82 -5.86
CA GLY A 402 25.79 -7.43 -5.40
C GLY A 402 26.85 -6.46 -4.90
N GLU A 403 26.69 -5.17 -5.20
CA GLU A 403 27.71 -4.16 -4.85
C GLU A 403 28.01 -3.99 -3.36
N TYR A 404 29.29 -4.07 -3.00
CA TYR A 404 29.74 -3.88 -1.62
C TYR A 404 29.43 -2.49 -1.07
N ALA A 405 29.24 -2.44 0.23
CA ALA A 405 29.05 -1.19 0.96
C ALA A 405 29.24 -1.48 2.44
N ASP A 406 29.82 -0.52 3.16
CA ASP A 406 30.17 -0.72 4.56
C ASP A 406 28.87 -0.73 5.36
N PRO A 407 28.63 -1.82 6.12
CA PRO A 407 27.45 -1.97 6.97
C PRO A 407 27.18 -0.76 7.86
N ASP A 408 28.19 0.07 8.10
CA ASP A 408 27.96 1.28 8.85
C ASP A 408 27.17 2.31 8.02
N ASP A 409 27.02 2.05 6.72
CA ASP A 409 26.38 3.00 5.80
C ASP A 409 25.01 2.58 5.28
N MET A 410 24.66 1.32 5.49
CA MET A 410 23.40 0.78 5.02
C MET A 410 22.33 1.00 6.08
N LEU A 411 21.10 0.57 5.80
CA LEU A 411 20.09 0.53 6.84
C LEU A 411 19.30 -0.77 6.72
N SER A 412 18.93 -1.36 7.84
CA SER A 412 18.18 -2.61 7.77
C SER A 412 16.98 -2.63 8.70
N PHE A 413 15.84 -3.00 8.17
CA PHE A 413 14.65 -3.19 8.99
C PHE A 413 14.58 -4.63 9.50
N ASP A 414 14.51 -4.76 10.82
CA ASP A 414 14.33 -6.05 11.47
C ASP A 414 12.84 -6.40 11.57
N LYS A 415 12.37 -7.28 10.69
CA LYS A 415 10.92 -7.55 10.57
C LYS A 415 10.30 -8.29 11.75
N GLU A 416 11.05 -9.20 12.39
CA GLU A 416 10.53 -9.92 13.54
C GLU A 416 10.35 -8.97 14.72
N ALA A 417 11.37 -8.16 14.96
CA ALA A 417 11.34 -7.14 16.01
C ALA A 417 10.20 -6.16 15.86
N ILE A 418 10.20 -5.45 14.73
CA ILE A 418 9.24 -4.39 14.47
C ILE A 418 7.81 -4.94 14.35
N GLY A 419 7.66 -6.05 13.63
CA GLY A 419 6.35 -6.66 13.50
C GLY A 419 5.67 -6.07 12.30
N GLU A 420 5.31 -6.94 11.35
CA GLU A 420 4.95 -6.54 9.98
C GLU A 420 3.82 -5.51 9.84
N LYS A 421 2.88 -5.50 10.76
CA LYS A 421 1.89 -4.42 10.80
C LYS A 421 2.56 -3.04 10.76
N MET A 422 3.31 -2.71 11.82
CA MET A 422 4.02 -1.43 11.93
C MET A 422 4.90 -1.13 10.75
N LEU A 423 5.59 -2.17 10.31
CA LEU A 423 6.50 -2.08 9.19
C LEU A 423 5.77 -1.55 7.97
N GLU A 424 4.56 -2.03 7.73
CA GLU A 424 3.85 -1.62 6.54
C GLU A 424 3.38 -0.17 6.61
N LYS A 425 2.81 0.20 7.75
CA LYS A 425 2.44 1.57 7.99
C LYS A 425 3.62 2.51 7.69
N LEU A 426 4.79 2.13 8.20
CA LEU A 426 6.00 2.91 7.99
C LEU A 426 6.33 3.08 6.50
N PHE A 427 6.29 1.97 5.77
CA PHE A 427 6.65 1.99 4.35
C PHE A 427 5.66 2.79 3.52
N ALA A 428 4.40 2.78 3.94
CA ALA A 428 3.38 3.55 3.24
C ALA A 428 3.72 5.03 3.36
N GLU A 429 4.27 5.41 4.51
CA GLU A 429 4.55 6.81 4.77
C GLU A 429 5.82 7.32 4.07
N LEU A 430 6.90 6.54 4.18
CA LEU A 430 8.19 6.95 3.63
C LEU A 430 8.08 7.35 2.17
N THR A 431 7.29 6.57 1.43
CA THR A 431 7.20 6.71 -0.02
C THR A 431 6.37 7.92 -0.48
N GLN A 432 5.95 8.74 0.46
CA GLN A 432 5.18 9.94 0.14
C GLN A 432 6.00 11.20 0.46
N ILE A 433 7.08 11.03 1.22
CA ILE A 433 8.03 12.12 1.47
C ILE A 433 8.49 12.69 0.13
N GLN A 434 8.36 14.01 -0.04
CA GLN A 434 8.50 14.61 -1.38
C GLN A 434 9.47 15.80 -1.48
N ARG A 435 10.12 15.94 -2.64
CA ARG A 435 10.98 17.08 -2.96
C ARG A 435 10.13 18.23 -3.51
N LYS A 436 10.45 19.45 -3.10
CA LYS A 436 9.75 20.60 -3.64
C LYS A 436 10.74 21.64 -4.11
N PHE A 437 10.32 22.51 -5.03
CA PHE A 437 11.25 23.45 -5.62
C PHE A 437 11.79 24.44 -4.61
N ASN A 438 13.05 24.79 -4.81
CA ASN A 438 13.77 25.75 -3.99
C ASN A 438 14.41 26.75 -4.91
N ASN A 439 14.28 28.04 -4.62
CA ASN A 439 14.77 29.05 -5.54
C ASN A 439 16.29 29.32 -5.54
N ASN A 440 17.01 28.76 -4.56
CA ASN A 440 18.47 28.88 -4.51
C ASN A 440 19.20 27.57 -4.81
N GLY A 441 18.52 26.65 -5.48
CA GLY A 441 19.15 25.42 -5.95
C GLY A 441 19.37 24.40 -4.86
N LYS A 442 18.76 24.63 -3.71
CA LYS A 442 18.99 23.79 -2.55
C LYS A 442 18.01 22.67 -2.56
N LEU A 443 18.34 21.59 -1.87
CA LEU A 443 17.42 20.48 -1.70
C LEU A 443 16.47 20.77 -0.56
N GLU A 444 15.18 20.61 -0.80
CA GLU A 444 14.20 20.95 0.19
C GLU A 444 12.99 20.03 0.08
N LEU A 445 12.42 19.65 1.22
CA LEU A 445 11.23 18.82 1.25
C LEU A 445 9.93 19.58 1.50
N MET A 446 8.84 18.96 1.08
CA MET A 446 7.50 19.40 1.40
C MET A 446 7.33 19.20 2.90
N THR A 447 6.77 20.19 3.59
CA THR A 447 6.58 20.12 5.05
C THR A 447 5.33 19.31 5.38
N LYS A 448 5.28 18.70 6.57
CA LYS A 448 4.16 17.85 6.92
C LYS A 448 2.81 18.50 6.71
N VAL A 449 2.71 19.77 7.10
CA VAL A 449 1.50 20.52 6.87
C VAL A 449 1.14 20.55 5.38
N GLU A 450 2.13 20.73 4.53
CA GLU A 450 1.85 20.82 3.09
C GLU A 450 1.44 19.48 2.49
N MET A 451 2.01 18.39 3.01
CA MET A 451 1.68 17.06 2.53
C MET A 451 0.25 16.70 2.89
N LYS A 452 -0.12 17.06 4.12
CA LYS A 452 -1.46 16.84 4.61
C LYS A 452 -2.45 17.69 3.81
N GLN A 453 -2.10 18.96 3.58
CA GLN A 453 -2.94 19.84 2.78
C GLN A 453 -3.08 19.39 1.32
N LYS A 454 -1.97 19.03 0.68
CA LYS A 454 -2.01 18.70 -0.75
C LYS A 454 -2.31 17.22 -1.04
N LEU A 455 -1.72 16.33 -0.27
CA LEU A 455 -1.88 14.90 -0.52
C LEU A 455 -3.07 14.30 0.23
N GLY A 456 -3.71 15.07 1.09
CA GLY A 456 -4.83 14.59 1.87
C GLY A 456 -4.50 13.37 2.74
N ILE A 457 -3.22 13.22 3.06
CA ILE A 457 -2.76 12.14 3.91
C ILE A 457 -2.51 12.74 5.28
N PRO A 458 -2.56 11.90 6.33
CA PRO A 458 -2.20 12.38 7.67
C PRO A 458 -0.70 12.55 7.78
N SER A 459 -0.27 13.19 8.86
CA SER A 459 1.14 13.49 9.06
C SER A 459 1.96 12.23 9.23
N PRO A 460 3.05 12.14 8.47
CA PRO A 460 3.98 11.01 8.44
C PRO A 460 4.89 11.02 9.66
N ASN A 461 4.35 10.71 10.83
CA ASN A 461 5.14 10.84 12.04
C ASN A 461 6.11 9.70 12.30
N LEU A 462 5.83 8.52 11.75
CA LEU A 462 6.79 7.43 11.84
C LEU A 462 7.98 7.77 10.98
N ALA A 463 7.72 8.29 9.79
CA ALA A 463 8.80 8.64 8.88
C ALA A 463 9.62 9.70 9.55
N ASP A 464 8.95 10.75 10.03
CA ASP A 464 9.65 11.81 10.72
C ASP A 464 10.38 11.37 11.98
N ALA A 465 9.86 10.35 12.65
CA ALA A 465 10.53 9.78 13.80
C ALA A 465 11.69 8.97 13.31
N LEU A 466 11.46 8.20 12.25
CA LEU A 466 12.56 7.40 11.74
C LEU A 466 13.66 8.28 11.15
N MET A 467 13.29 9.41 10.54
CA MET A 467 14.28 10.31 9.96
C MET A 467 15.21 10.86 11.03
N MET A 468 14.65 11.31 12.15
CA MET A 468 15.46 11.89 13.22
C MET A 468 16.55 10.98 13.76
N CYS A 469 16.38 9.66 13.60
CA CYS A 469 17.40 8.72 14.03
C CYS A 469 18.69 8.77 13.23
N MET A 470 18.78 9.59 12.21
CA MET A 470 20.00 9.61 11.40
C MET A 470 21.05 10.57 11.96
N HIS A 471 20.77 11.06 13.16
CA HIS A 471 21.59 12.07 13.82
C HIS A 471 22.33 11.47 14.99
PG ATP B . -17.26 -1.70 -7.29
O1G ATP B . -17.80 -0.85 -6.13
O2G ATP B . -17.67 -3.15 -7.19
O3G ATP B . -15.81 -1.52 -7.69
PB ATP B . -18.41 -1.82 -9.84
O1B ATP B . -17.53 -1.42 -11.02
O2B ATP B . -18.55 -3.31 -9.53
O3B ATP B . -18.00 -1.01 -8.52
PA ATP B . -21.09 -2.13 -10.09
O1A ATP B . -20.85 -3.10 -11.21
O2A ATP B . -21.25 -2.67 -8.68
O3A ATP B . -19.85 -1.17 -10.12
O5' ATP B . -22.26 -1.15 -10.52
C5' ATP B . -22.25 0.18 -10.02
C4' ATP B . -23.71 0.62 -9.96
O4' ATP B . -24.12 1.17 -11.24
C3' ATP B . -24.63 -0.60 -9.72
O3' ATP B . -25.07 -0.71 -8.36
C2' ATP B . -25.87 -0.38 -10.58
O2' ATP B . -26.95 0.12 -9.77
C1' ATP B . -25.42 0.66 -11.59
N9 ATP B . -25.35 -0.07 -12.87
C8 ATP B . -24.23 -0.53 -13.46
N7 ATP B . -24.52 -1.15 -14.64
C5 ATP B . -25.86 -1.07 -14.82
C6 ATP B . -26.83 -1.51 -15.85
N6 ATP B . -26.45 -2.16 -16.96
N1 ATP B . -28.15 -1.24 -15.64
C2 ATP B . -28.58 -0.58 -14.55
N3 ATP B . -27.76 -0.15 -13.56
C4 ATP B . -26.41 -0.36 -13.66
#